data_6IHV
#
_entry.id   6IHV
#
_cell.length_a   46.951
_cell.length_b   38.839
_cell.length_c   65.856
_cell.angle_alpha   90.00
_cell.angle_beta   103.12
_cell.angle_gamma   90.00
#
_symmetry.space_group_name_H-M   'P 1 21 1'
#
loop_
_entity.id
_entity.type
_entity.pdbx_description
1 polymer 'Phosphorylated protein phosphatase'
2 non-polymer 'MAGNESIUM ION'
3 water water
#
_entity_poly.entity_id   1
_entity_poly.type   'polypeptide(L)'
_entity_poly.pdbx_seq_one_letter_code
;MGSSHHHHHHSSGLVPRGSHMEAQFFTDTGQHRDKNEDAGGIFYNQTNQQLLVLCDGMGGHKAGEVASKFVTDELKSRFE
AENLIEQHQAENWLRNNIKDINFQLYHYAQENAEYKGMGTTCVCALVFEKSVVIANVGDSRAYVINSRQIEQITSDHSFV
NHLVLTGQITPEEAFTHPQENIITKVMGTDKRVSPDLFIKRLNFYDYLLLNSDGLTDYVKDNEIKRLLVKEGTIEDHGDQ
LMQLALDNHSKDNVTFILAAIEGDKV
;
_entity_poly.pdbx_strand_id   A
#
loop_
_chem_comp.id
_chem_comp.type
_chem_comp.name
_chem_comp.formula
MG non-polymer 'MAGNESIUM ION' 'Mg 2'
#
# COMPACT_ATOMS: atom_id res chain seq x y z
N GLY A 18 -0.57 -21.09 3.86
CA GLY A 18 0.07 -19.79 3.78
C GLY A 18 -0.08 -18.96 5.04
N SER A 19 0.90 -18.10 5.29
CA SER A 19 0.86 -17.22 6.45
C SER A 19 0.02 -15.99 6.14
N HIS A 20 -0.86 -15.63 7.08
CA HIS A 20 -1.69 -14.44 6.91
C HIS A 20 -1.94 -13.83 8.29
N MET A 21 -1.87 -12.51 8.33
CA MET A 21 -2.19 -11.76 9.55
C MET A 21 -3.64 -11.31 9.49
N GLU A 22 -4.23 -11.13 10.68
CA GLU A 22 -5.48 -10.40 10.75
C GLU A 22 -5.24 -8.98 10.27
N ALA A 23 -5.97 -8.58 9.24
CA ALA A 23 -5.72 -7.28 8.61
C ALA A 23 -7.02 -6.72 8.05
N GLN A 24 -7.07 -5.40 7.95
CA GLN A 24 -8.26 -4.73 7.44
C GLN A 24 -7.86 -3.51 6.62
N PHE A 25 -8.67 -3.21 5.62
CA PHE A 25 -8.42 -2.12 4.67
C PHE A 25 -9.36 -0.96 4.97
N PHE A 26 -8.81 0.24 5.07
CA PHE A 26 -9.57 1.45 5.38
C PHE A 26 -9.28 2.52 4.34
N THR A 27 -10.33 3.17 3.83
CA THR A 27 -10.15 4.24 2.88
C THR A 27 -11.26 5.27 3.05
N ASP A 28 -10.96 6.51 2.67
CA ASP A 28 -11.92 7.60 2.77
C ASP A 28 -11.49 8.71 1.82
N THR A 29 -12.43 9.20 1.00
CA THR A 29 -12.11 10.27 0.08
C THR A 29 -11.65 11.54 0.80
N GLY A 30 -12.03 11.71 2.06
CA GLY A 30 -11.80 12.96 2.75
C GLY A 30 -12.87 13.98 2.44
N GLN A 31 -12.88 15.05 3.23
CA GLN A 31 -13.85 16.12 3.06
C GLN A 31 -13.43 17.16 2.03
N HIS A 32 -12.26 16.99 1.41
CA HIS A 32 -11.71 18.00 0.51
C HIS A 32 -11.34 17.45 -0.85
N ARG A 33 -11.88 16.28 -1.22
CA ARG A 33 -11.64 15.68 -2.53
C ARG A 33 -12.97 15.24 -3.13
N ASP A 34 -13.11 15.44 -4.43
CA ASP A 34 -14.29 14.93 -5.14
C ASP A 34 -14.26 13.41 -5.22
N LYS A 35 -13.14 12.85 -5.66
CA LYS A 35 -13.00 11.43 -5.95
C LYS A 35 -12.02 10.79 -5.00
N ASN A 36 -12.10 9.46 -4.90
CA ASN A 36 -11.10 8.66 -4.22
C ASN A 36 -10.20 8.04 -5.27
N GLU A 37 -8.97 8.51 -5.35
CA GLU A 37 -7.99 7.97 -6.28
C GLU A 37 -7.02 6.99 -5.62
N ASP A 38 -7.21 6.72 -4.34
CA ASP A 38 -6.51 5.63 -3.67
C ASP A 38 -7.19 4.30 -3.96
N ALA A 39 -6.41 3.22 -3.89
CA ALA A 39 -6.95 1.89 -4.07
C ALA A 39 -6.10 0.93 -3.24
N GLY A 40 -6.61 -0.29 -3.05
CA GLY A 40 -5.86 -1.30 -2.35
C GLY A 40 -6.73 -2.49 -2.04
N GLY A 41 -6.13 -3.46 -1.37
CA GLY A 41 -6.84 -4.65 -0.98
C GLY A 41 -5.96 -5.62 -0.25
N ILE A 42 -6.59 -6.71 0.18
CA ILE A 42 -5.96 -7.82 0.89
C ILE A 42 -6.34 -9.07 0.13
N PHE A 43 -5.35 -9.73 -0.50
CA PHE A 43 -5.61 -10.79 -1.46
C PHE A 43 -4.94 -12.08 -1.00
N TYR A 44 -5.50 -13.22 -1.44
CA TYR A 44 -5.08 -14.54 -1.01
C TYR A 44 -4.87 -15.43 -2.23
N ASN A 45 -3.76 -16.16 -2.26
CA ASN A 45 -3.49 -17.01 -3.42
C ASN A 45 -4.05 -18.41 -3.16
N GLN A 46 -3.62 -19.40 -3.96
CA GLN A 46 -4.26 -20.70 -3.93
C GLN A 46 -3.96 -21.47 -2.64
N THR A 47 -2.89 -21.13 -1.92
CA THR A 47 -2.59 -21.76 -0.64
C THR A 47 -2.79 -20.81 0.53
N ASN A 48 -3.60 -19.77 0.34
CA ASN A 48 -4.00 -18.83 1.37
C ASN A 48 -2.85 -17.96 1.88
N GLN A 49 -1.80 -17.81 1.09
CA GLN A 49 -0.81 -16.78 1.37
C GLN A 49 -1.44 -15.40 1.18
N GLN A 50 -0.91 -14.42 1.90
CA GLN A 50 -1.54 -13.11 2.00
C GLN A 50 -0.71 -12.05 1.29
N LEU A 51 -1.39 -11.19 0.53
CA LEU A 51 -0.74 -10.08 -0.18
C LEU A 51 -1.49 -8.79 0.15
N LEU A 52 -0.78 -7.83 0.73
CA LEU A 52 -1.34 -6.52 1.07
C LEU A 52 -0.92 -5.53 0.00
N VAL A 53 -1.87 -4.72 -0.49
CA VAL A 53 -1.62 -3.82 -1.62
C VAL A 53 -2.24 -2.46 -1.30
N LEU A 54 -1.50 -1.39 -1.59
CA LEU A 54 -2.00 -0.03 -1.44
C LEU A 54 -1.43 0.84 -2.54
N CYS A 55 -2.29 1.62 -3.21
CA CYS A 55 -1.91 2.45 -4.34
C CYS A 55 -2.54 3.83 -4.22
N ASP A 56 -1.76 4.86 -4.55
CA ASP A 56 -2.20 6.25 -4.52
C ASP A 56 -2.08 6.81 -5.94
N GLY A 57 -3.22 6.86 -6.66
CA GLY A 57 -3.19 7.27 -8.06
C GLY A 57 -3.27 8.77 -8.25
N MET A 58 -2.95 9.20 -9.47
CA MET A 58 -3.01 10.61 -9.85
C MET A 58 -3.01 10.70 -11.37
N GLY A 59 -3.14 11.93 -11.89
CA GLY A 59 -2.84 12.22 -13.27
C GLY A 59 -3.97 11.92 -14.24
N GLY A 60 -3.67 12.18 -15.52
CA GLY A 60 -4.66 12.03 -16.57
C GLY A 60 -5.75 13.08 -16.43
N HIS A 61 -6.82 12.86 -17.19
CA HIS A 61 -8.02 13.69 -17.06
C HIS A 61 -8.86 13.10 -15.94
N LYS A 62 -8.48 13.43 -14.71
CA LYS A 62 -9.13 12.91 -13.50
C LYS A 62 -9.13 11.39 -13.49
N ALA A 63 -8.05 10.79 -13.99
CA ALA A 63 -7.98 9.35 -14.18
C ALA A 63 -7.11 8.66 -13.13
N GLY A 64 -6.94 9.29 -11.96
CA GLY A 64 -6.10 8.70 -10.94
C GLY A 64 -6.66 7.38 -10.41
N GLU A 65 -7.98 7.30 -10.30
CA GLU A 65 -8.60 6.06 -9.83
C GLU A 65 -8.39 4.93 -10.82
N VAL A 66 -8.35 5.25 -12.12
CA VAL A 66 -8.08 4.22 -13.13
C VAL A 66 -6.70 3.60 -12.91
N ALA A 67 -5.70 4.43 -12.62
CA ALA A 67 -4.33 3.91 -12.49
C ALA A 67 -4.16 3.08 -11.23
N SER A 68 -4.61 3.59 -10.08
CA SER A 68 -4.44 2.86 -8.83
C SER A 68 -5.21 1.55 -8.84
N LYS A 69 -6.43 1.57 -9.39
CA LYS A 69 -7.20 0.33 -9.48
C LYS A 69 -6.68 -0.59 -10.58
N PHE A 70 -6.02 -0.03 -11.60
CA PHE A 70 -5.36 -0.88 -12.59
C PHE A 70 -4.32 -1.77 -11.92
N VAL A 71 -3.48 -1.18 -11.07
CA VAL A 71 -2.37 -1.92 -10.47
C VAL A 71 -2.90 -2.88 -9.41
N THR A 72 -3.86 -2.43 -8.60
CA THR A 72 -4.46 -3.28 -7.58
C THR A 72 -5.13 -4.50 -8.19
N ASP A 73 -5.84 -4.30 -9.30
CA ASP A 73 -6.51 -5.42 -9.96
C ASP A 73 -5.51 -6.40 -10.55
N GLU A 74 -4.44 -5.87 -11.17
CA GLU A 74 -3.42 -6.73 -11.74
C GLU A 74 -2.73 -7.58 -10.68
N LEU A 75 -2.31 -6.94 -9.56
CA LEU A 75 -1.68 -7.69 -8.49
C LEU A 75 -2.61 -8.76 -7.93
N LYS A 76 -3.90 -8.43 -7.79
CA LYS A 76 -4.88 -9.41 -7.33
C LYS A 76 -4.95 -10.61 -8.28
N SER A 77 -5.12 -10.35 -9.57
CA SER A 77 -5.25 -11.44 -10.53
C SER A 77 -3.96 -12.26 -10.59
N ARG A 78 -2.80 -11.58 -10.63
CA ARG A 78 -1.53 -12.29 -10.72
C ARG A 78 -1.28 -13.13 -9.47
N PHE A 79 -1.60 -12.59 -8.30
CA PHE A 79 -1.34 -13.31 -7.05
C PHE A 79 -2.29 -14.49 -6.88
N GLU A 80 -3.57 -14.29 -7.19
CA GLU A 80 -4.53 -15.40 -7.06
C GLU A 80 -4.25 -16.52 -8.06
N ALA A 81 -3.53 -16.23 -9.14
CA ALA A 81 -3.10 -17.26 -10.08
C ALA A 81 -1.95 -18.11 -9.55
N GLU A 82 -1.29 -17.70 -8.47
CA GLU A 82 -0.14 -18.42 -7.95
C GLU A 82 -0.57 -19.46 -6.93
N ASN A 83 0.13 -20.59 -6.92
CA ASN A 83 -0.10 -21.58 -5.88
C ASN A 83 0.74 -21.30 -4.64
N LEU A 84 2.04 -21.10 -4.80
CA LEU A 84 2.92 -20.90 -3.66
C LEU A 84 4.10 -20.02 -4.07
N ILE A 85 4.31 -18.93 -3.34
CA ILE A 85 5.49 -18.10 -3.47
C ILE A 85 6.21 -18.20 -2.14
N GLU A 86 7.30 -18.97 -2.10
CA GLU A 86 8.07 -19.06 -0.87
C GLU A 86 8.90 -17.81 -0.67
N GLN A 87 9.34 -17.61 0.57
CA GLN A 87 9.96 -16.33 0.93
C GLN A 87 11.18 -16.04 0.08
N HIS A 88 11.96 -17.06 -0.28
CA HIS A 88 13.16 -16.82 -1.07
C HIS A 88 12.83 -16.46 -2.52
N GLN A 89 11.58 -16.59 -2.95
CA GLN A 89 11.16 -16.17 -4.27
C GLN A 89 10.41 -14.84 -4.28
N ALA A 90 10.09 -14.29 -3.10
CA ALA A 90 9.14 -13.18 -3.02
C ALA A 90 9.70 -11.90 -3.64
N GLU A 91 10.96 -11.58 -3.36
CA GLU A 91 11.57 -10.36 -3.93
C GLU A 91 11.46 -10.36 -5.44
N ASN A 92 11.86 -11.47 -6.07
CA ASN A 92 11.82 -11.56 -7.53
C ASN A 92 10.39 -11.49 -8.04
N TRP A 93 9.46 -12.17 -7.38
CA TRP A 93 8.07 -12.14 -7.82
C TRP A 93 7.51 -10.71 -7.79
N LEU A 94 7.72 -10.01 -6.68
CA LEU A 94 7.22 -8.64 -6.58
C LEU A 94 7.90 -7.72 -7.59
N ARG A 95 9.22 -7.85 -7.75
CA ARG A 95 9.95 -6.99 -8.67
C ARG A 95 9.50 -7.20 -10.11
N ASN A 96 9.37 -8.45 -10.53
CA ASN A 96 9.03 -8.72 -11.93
C ASN A 96 7.60 -8.33 -12.23
N ASN A 97 6.68 -8.56 -11.30
CA ASN A 97 5.29 -8.25 -11.58
C ASN A 97 5.05 -6.75 -11.53
N ILE A 98 5.70 -6.04 -10.60
CA ILE A 98 5.59 -4.58 -10.58
C ILE A 98 6.16 -4.00 -11.87
N LYS A 99 7.27 -4.55 -12.36
CA LYS A 99 7.82 -4.08 -13.63
C LYS A 99 6.87 -4.33 -14.77
N ASP A 100 6.29 -5.53 -14.84
CA ASP A 100 5.37 -5.84 -15.93
C ASP A 100 4.10 -5.01 -15.85
N ILE A 101 3.57 -4.81 -14.64
CA ILE A 101 2.36 -4.00 -14.47
C ILE A 101 2.64 -2.55 -14.85
N ASN A 102 3.81 -2.03 -14.48
CA ASN A 102 4.19 -0.69 -14.89
C ASN A 102 4.24 -0.58 -16.40
N PHE A 103 4.83 -1.57 -17.07
CA PHE A 103 4.84 -1.61 -18.53
C PHE A 103 3.43 -1.58 -19.09
N GLN A 104 2.54 -2.43 -18.56
CA GLN A 104 1.19 -2.51 -19.10
C GLN A 104 0.42 -1.22 -18.84
N LEU A 105 0.57 -0.65 -17.65
CA LEU A 105 -0.16 0.56 -17.29
C LEU A 105 0.30 1.75 -18.13
N TYR A 106 1.62 1.88 -18.33
CA TYR A 106 2.15 2.97 -19.14
C TYR A 106 1.55 2.95 -20.55
N HIS A 107 1.51 1.77 -21.17
CA HIS A 107 0.98 1.70 -22.53
C HIS A 107 -0.54 1.78 -22.56
N TYR A 108 -1.21 1.29 -21.52
CA TYR A 108 -2.65 1.53 -21.43
C TYR A 108 -2.97 3.02 -21.40
N ALA A 109 -2.15 3.79 -20.68
CA ALA A 109 -2.37 5.23 -20.56
C ALA A 109 -2.03 5.96 -21.86
N GLN A 110 -0.93 5.56 -22.52
CA GLN A 110 -0.56 6.19 -23.80
C GLN A 110 -1.63 5.97 -24.87
N GLU A 111 -2.35 4.86 -24.82
CA GLU A 111 -3.32 4.52 -25.83
C GLU A 111 -4.68 5.17 -25.63
N ASN A 112 -4.85 5.93 -24.56
CA ASN A 112 -6.14 6.53 -24.20
C ASN A 112 -5.89 7.98 -23.80
N ALA A 113 -6.37 8.92 -24.62
CA ALA A 113 -6.05 10.34 -24.38
C ALA A 113 -6.60 10.83 -23.04
N GLU A 114 -7.71 10.24 -22.57
CA GLU A 114 -8.25 10.63 -21.28
C GLU A 114 -7.42 10.12 -20.12
N TYR A 115 -6.63 9.07 -20.35
CA TYR A 115 -5.77 8.52 -19.29
C TYR A 115 -4.33 8.99 -19.39
N LYS A 116 -3.88 9.45 -20.56
CA LYS A 116 -2.48 9.75 -20.78
C LYS A 116 -1.94 10.69 -19.69
N GLY A 117 -0.85 10.27 -19.07
CA GLY A 117 -0.27 10.99 -17.94
C GLY A 117 -0.61 10.42 -16.58
N MET A 118 -1.57 9.50 -16.50
CA MET A 118 -1.95 8.99 -15.18
C MET A 118 -0.85 8.10 -14.63
N GLY A 119 -0.85 7.95 -13.30
CA GLY A 119 0.11 7.08 -12.64
C GLY A 119 -0.38 6.76 -11.24
N THR A 120 0.38 5.94 -10.54
CA THR A 120 0.02 5.61 -9.16
C THR A 120 1.25 5.16 -8.40
N THR A 121 1.24 5.45 -7.10
CA THR A 121 2.18 4.80 -6.21
C THR A 121 1.76 3.34 -6.01
N CYS A 122 2.65 2.56 -5.43
CA CYS A 122 2.29 1.21 -5.00
C CYS A 122 3.24 0.79 -3.89
N VAL A 123 2.70 0.47 -2.73
CA VAL A 123 3.43 -0.26 -1.69
C VAL A 123 2.67 -1.55 -1.45
N CYS A 124 3.39 -2.66 -1.40
CA CYS A 124 2.74 -3.95 -1.19
C CYS A 124 3.64 -4.83 -0.35
N ALA A 125 3.04 -5.86 0.23
CA ALA A 125 3.72 -6.69 1.21
C ALA A 125 3.25 -8.12 1.09
N LEU A 126 4.19 -9.04 0.90
CA LEU A 126 3.91 -10.47 0.92
C LEU A 126 4.18 -10.99 2.33
N VAL A 127 3.16 -11.58 2.95
CA VAL A 127 3.23 -11.97 4.36
C VAL A 127 3.79 -13.38 4.48
N PHE A 128 4.75 -13.55 5.41
CA PHE A 128 5.29 -14.85 5.76
C PHE A 128 5.27 -14.98 7.29
N GLU A 129 5.74 -16.14 7.77
CA GLU A 129 5.56 -16.50 9.18
C GLU A 129 6.19 -15.45 10.10
N LYS A 130 7.49 -15.21 9.95
CA LYS A 130 8.22 -14.32 10.84
C LYS A 130 8.68 -13.05 10.15
N SER A 131 8.30 -12.85 8.88
CA SER A 131 8.79 -11.70 8.14
C SER A 131 7.77 -11.29 7.09
N VAL A 132 8.03 -10.14 6.48
CA VAL A 132 7.24 -9.65 5.36
C VAL A 132 8.20 -9.13 4.31
N VAL A 133 7.82 -9.29 3.04
CA VAL A 133 8.61 -8.81 1.90
C VAL A 133 7.85 -7.65 1.26
N ILE A 134 8.46 -6.47 1.27
CA ILE A 134 7.79 -5.25 0.85
C ILE A 134 8.44 -4.71 -0.42
N ALA A 135 7.60 -4.26 -1.35
CA ALA A 135 8.04 -3.55 -2.54
C ALA A 135 7.36 -2.19 -2.55
N ASN A 136 8.09 -1.17 -2.99
CA ASN A 136 7.56 0.18 -2.92
C ASN A 136 7.98 0.99 -4.14
N VAL A 137 7.02 1.73 -4.67
CA VAL A 137 7.25 2.76 -5.68
C VAL A 137 6.40 3.96 -5.27
N GLY A 138 7.05 5.07 -4.92
CA GLY A 138 6.34 6.30 -4.65
C GLY A 138 6.50 6.73 -3.21
N ASP A 139 5.48 7.44 -2.71
CA ASP A 139 5.53 8.02 -1.37
C ASP A 139 4.41 7.51 -0.47
N SER A 140 3.75 6.42 -0.85
CA SER A 140 3.05 5.64 0.15
C SER A 140 4.08 4.89 0.99
N ARG A 141 3.65 4.37 2.13
CA ARG A 141 4.60 3.93 3.14
C ARG A 141 4.19 2.61 3.77
N ALA A 142 5.18 1.92 4.35
CA ALA A 142 4.98 0.74 5.18
C ALA A 142 5.72 0.93 6.49
N TYR A 143 5.05 0.67 7.61
CA TYR A 143 5.59 0.87 8.95
C TYR A 143 5.48 -0.42 9.76
N VAL A 144 6.36 -0.57 10.73
CA VAL A 144 6.19 -1.51 11.84
C VAL A 144 6.13 -0.70 13.12
N ILE A 145 5.26 -1.12 14.05
CA ILE A 145 5.00 -0.38 15.27
C ILE A 145 4.94 -1.34 16.45
N ASN A 146 5.61 -0.99 17.55
CA ASN A 146 5.40 -1.65 18.83
C ASN A 146 5.21 -0.55 19.88
N SER A 147 5.24 -0.95 21.15
CA SER A 147 4.95 -0.01 22.24
C SER A 147 6.01 1.07 22.38
N ARG A 148 7.18 0.92 21.79
CA ARG A 148 8.29 1.81 22.06
C ARG A 148 8.88 2.49 20.82
N GLN A 149 8.56 2.03 19.61
CA GLN A 149 9.10 2.67 18.41
C GLN A 149 8.14 2.46 17.24
N ILE A 150 8.25 3.35 16.26
CA ILE A 150 7.55 3.20 14.98
C ILE A 150 8.58 3.46 13.89
N GLU A 151 8.84 2.45 13.07
CA GLU A 151 9.88 2.52 12.05
C GLU A 151 9.23 2.51 10.67
N GLN A 152 9.59 3.51 9.86
CA GLN A 152 9.20 3.54 8.47
C GLN A 152 10.16 2.64 7.67
N ILE A 153 9.63 1.58 7.08
CA ILE A 153 10.46 0.63 6.36
C ILE A 153 10.86 1.18 5.00
N THR A 154 9.93 1.82 4.31
CA THR A 154 10.17 2.31 2.96
C THR A 154 10.78 3.71 3.00
N SER A 155 11.31 4.12 1.84
CA SER A 155 11.81 5.47 1.63
C SER A 155 10.97 6.14 0.55
N ASP A 156 10.39 7.29 0.87
CA ASP A 156 9.62 8.05 -0.10
C ASP A 156 10.45 8.34 -1.35
N HIS A 157 9.87 8.08 -2.51
CA HIS A 157 10.48 8.45 -3.78
C HIS A 157 9.93 9.81 -4.19
N SER A 158 10.44 10.85 -3.53
CA SER A 158 9.99 12.21 -3.78
C SER A 158 11.05 13.23 -3.39
N ILE A 183 8.50 16.31 -6.55
CA ILE A 183 7.90 15.41 -7.52
C ILE A 183 8.13 13.95 -7.11
N THR A 184 7.19 13.09 -7.45
CA THR A 184 7.15 11.72 -6.94
C THR A 184 7.34 10.71 -8.08
N LYS A 185 8.21 9.73 -7.83
CA LYS A 185 8.33 8.58 -8.73
C LYS A 185 7.10 7.68 -8.60
N VAL A 186 6.44 7.38 -9.72
CA VAL A 186 5.22 6.59 -9.70
C VAL A 186 5.24 5.57 -10.83
N MET A 187 4.32 4.59 -10.73
CA MET A 187 4.11 3.64 -11.81
C MET A 187 3.20 4.22 -12.88
N GLY A 188 3.48 3.86 -14.13
CA GLY A 188 2.64 4.22 -15.25
C GLY A 188 3.10 5.39 -16.09
N THR A 189 4.06 6.19 -15.62
CA THR A 189 4.49 7.39 -16.33
C THR A 189 5.70 7.16 -17.23
N ASP A 190 6.39 6.05 -17.05
CA ASP A 190 7.52 5.68 -17.90
C ASP A 190 7.48 4.18 -18.13
N LYS A 191 8.03 3.75 -19.26
CA LYS A 191 8.09 2.32 -19.54
C LYS A 191 9.06 1.57 -18.63
N ARG A 192 9.93 2.28 -17.91
CA ARG A 192 10.85 1.69 -16.94
C ARG A 192 10.38 2.02 -15.52
N VAL A 193 10.69 1.13 -14.59
CA VAL A 193 10.43 1.39 -13.18
C VAL A 193 11.41 0.58 -12.35
N SER A 194 11.81 1.14 -11.20
CA SER A 194 12.78 0.50 -10.30
C SER A 194 12.23 0.48 -8.88
N PRO A 195 11.51 -0.58 -8.52
CA PRO A 195 10.96 -0.67 -7.17
C PRO A 195 12.03 -1.04 -6.15
N ASP A 196 11.89 -0.46 -4.96
CA ASP A 196 12.70 -0.87 -3.82
C ASP A 196 12.09 -2.10 -3.17
N LEU A 197 12.94 -3.05 -2.80
CA LEU A 197 12.50 -4.26 -2.11
C LEU A 197 13.05 -4.26 -0.70
N PHE A 198 12.23 -4.69 0.26
CA PHE A 198 12.61 -4.73 1.66
C PHE A 198 12.15 -6.04 2.28
N ILE A 199 12.99 -6.62 3.14
CA ILE A 199 12.62 -7.76 3.95
C ILE A 199 12.70 -7.32 5.41
N LYS A 200 11.61 -7.52 6.15
CA LYS A 200 11.49 -7.05 7.51
C LYS A 200 11.02 -8.18 8.41
N ARG A 201 11.81 -8.50 9.42
CA ARG A 201 11.35 -9.43 10.46
C ARG A 201 10.33 -8.74 11.34
N LEU A 202 9.28 -9.48 11.71
CA LEU A 202 8.17 -8.91 12.47
C LEU A 202 8.15 -9.34 13.93
N ASN A 203 9.15 -10.12 14.37
CA ASN A 203 9.05 -10.84 15.64
C ASN A 203 8.78 -9.91 16.82
N PHE A 204 9.40 -8.73 16.82
CA PHE A 204 9.34 -7.84 17.98
C PHE A 204 8.42 -6.64 17.75
N TYR A 205 7.44 -6.79 16.86
CA TYR A 205 6.51 -5.70 16.57
C TYR A 205 5.07 -6.18 16.73
N ASP A 206 4.17 -5.21 16.82
CA ASP A 206 2.76 -5.48 17.09
C ASP A 206 1.85 -5.18 15.91
N TYR A 207 2.21 -4.22 15.06
CA TYR A 207 1.39 -3.84 13.91
C TYR A 207 2.27 -3.63 12.70
N LEU A 208 1.75 -4.02 11.54
CA LEU A 208 2.27 -3.60 10.25
C LEU A 208 1.28 -2.62 9.64
N LEU A 209 1.78 -1.50 9.14
CA LEU A 209 0.95 -0.44 8.61
C LEU A 209 1.40 -0.10 7.20
N LEU A 210 0.48 -0.16 6.25
CA LEU A 210 0.65 0.41 4.92
C LEU A 210 -0.33 1.56 4.78
N ASN A 211 0.11 2.67 4.19
CA ASN A 211 -0.75 3.84 4.15
C ASN A 211 -0.38 4.75 2.99
N SER A 212 -1.37 5.50 2.50
CA SER A 212 -1.14 6.57 1.54
C SER A 212 -0.73 7.84 2.27
N ASP A 213 -0.19 8.79 1.51
CA ASP A 213 0.32 10.01 2.14
C ASP A 213 -0.77 10.88 2.74
N GLY A 214 -2.05 10.61 2.40
CA GLY A 214 -3.15 11.30 3.05
C GLY A 214 -3.22 11.07 4.55
N LEU A 215 -2.56 10.03 5.05
CA LEU A 215 -2.47 9.83 6.49
C LEU A 215 -1.26 10.54 7.08
N THR A 216 -0.06 10.22 6.61
CA THR A 216 1.16 10.68 7.24
C THR A 216 1.57 12.09 6.84
N ASP A 217 0.89 12.72 5.88
CA ASP A 217 1.11 14.14 5.67
C ASP A 217 0.47 14.98 6.77
N TYR A 218 -0.52 14.43 7.48
CA TYR A 218 -1.26 15.18 8.48
C TYR A 218 -1.30 14.52 9.86
N VAL A 219 -0.78 13.31 10.01
CA VAL A 219 -0.69 12.63 11.30
C VAL A 219 0.78 12.25 11.50
N LYS A 220 1.35 12.70 12.62
CA LYS A 220 2.74 12.40 12.90
C LYS A 220 2.91 10.95 13.35
N ASP A 221 4.12 10.42 13.13
CA ASP A 221 4.39 9.02 13.44
C ASP A 221 4.09 8.71 14.91
N ASN A 222 4.51 9.59 15.82
CA ASN A 222 4.26 9.36 17.24
C ASN A 222 2.77 9.39 17.55
N GLU A 223 1.99 10.20 16.84
CA GLU A 223 0.54 10.15 16.98
C GLU A 223 0.00 8.79 16.58
N ILE A 224 0.57 8.19 15.54
CA ILE A 224 0.13 6.86 15.10
C ILE A 224 0.50 5.81 16.14
N LYS A 225 1.75 5.85 16.62
CA LYS A 225 2.19 4.88 17.61
C LYS A 225 1.35 4.95 18.88
N ARG A 226 1.19 6.16 19.43
CA ARG A 226 0.44 6.30 20.67
C ARG A 226 -1.01 5.85 20.50
N LEU A 227 -1.59 6.02 19.31
CA LEU A 227 -2.93 5.50 19.08
C LEU A 227 -2.96 3.98 19.07
N LEU A 228 -1.88 3.34 18.57
CA LEU A 228 -1.87 1.89 18.42
C LEU A 228 -1.39 1.15 19.66
N VAL A 229 -0.66 1.81 20.56
CA VAL A 229 -0.20 1.14 21.78
C VAL A 229 -1.31 0.86 22.75
N LYS A 230 -2.51 1.40 22.53
CA LYS A 230 -3.62 1.14 23.43
C LYS A 230 -4.32 -0.15 23.05
N GLU A 231 -5.17 -0.63 23.96
CA GLU A 231 -5.96 -1.81 23.65
C GLU A 231 -7.01 -1.50 22.59
N GLY A 232 -7.52 -2.56 21.98
CA GLY A 232 -8.52 -2.42 20.94
C GLY A 232 -8.36 -3.39 19.79
N THR A 233 -9.40 -3.54 18.98
CA THR A 233 -9.36 -4.41 17.83
C THR A 233 -8.76 -3.69 16.62
N ILE A 234 -8.71 -4.38 15.49
CA ILE A 234 -8.26 -3.74 14.25
C ILE A 234 -9.27 -2.71 13.79
N GLU A 235 -10.56 -3.07 13.82
CA GLU A 235 -11.60 -2.16 13.36
C GLU A 235 -11.58 -0.86 14.16
N ASP A 236 -11.55 -0.96 15.48
CA ASP A 236 -11.58 0.26 16.28
C ASP A 236 -10.26 1.04 16.16
N HIS A 237 -9.13 0.34 16.15
CA HIS A 237 -7.86 1.02 15.89
C HIS A 237 -7.87 1.71 14.54
N GLY A 238 -8.48 1.08 13.53
CA GLY A 238 -8.53 1.70 12.22
C GLY A 238 -9.49 2.87 12.16
N ASP A 239 -10.60 2.78 12.88
CA ASP A 239 -11.57 3.87 12.87
C ASP A 239 -11.03 5.10 13.59
N GLN A 240 -10.41 4.93 14.76
CA GLN A 240 -9.81 6.08 15.43
C GLN A 240 -8.68 6.66 14.60
N LEU A 241 -7.91 5.81 13.92
CA LEU A 241 -6.85 6.32 13.06
C LEU A 241 -7.42 7.11 11.88
N MET A 242 -8.52 6.64 11.31
CA MET A 242 -9.17 7.38 10.22
C MET A 242 -9.79 8.67 10.73
N GLN A 243 -10.59 8.59 11.80
CA GLN A 243 -11.17 9.79 12.39
C GLN A 243 -10.09 10.78 12.83
N LEU A 244 -8.94 10.28 13.30
CA LEU A 244 -7.83 11.17 13.65
C LEU A 244 -7.31 11.91 12.43
N ALA A 245 -7.24 11.23 11.28
CA ALA A 245 -6.79 11.89 10.06
C ALA A 245 -7.81 12.94 9.60
N LEU A 246 -9.10 12.60 9.68
CA LEU A 246 -10.13 13.57 9.36
C LEU A 246 -10.12 14.75 10.33
N ASP A 247 -9.88 14.47 11.62
CA ASP A 247 -9.84 15.57 12.59
C ASP A 247 -8.66 16.50 12.34
N ASN A 248 -7.55 15.98 11.83
CA ASN A 248 -6.47 16.87 11.44
C ASN A 248 -6.71 17.53 10.09
N HIS A 249 -7.92 17.37 9.55
CA HIS A 249 -8.35 18.02 8.30
C HIS A 249 -7.41 17.66 7.14
N SER A 250 -7.30 16.37 6.87
CA SER A 250 -6.56 15.91 5.71
C SER A 250 -7.24 16.40 4.44
N LYS A 251 -6.46 16.99 3.53
CA LYS A 251 -6.97 17.50 2.27
C LYS A 251 -6.77 16.52 1.13
N ASP A 252 -6.59 15.23 1.45
CA ASP A 252 -6.25 14.21 0.47
C ASP A 252 -7.07 12.97 0.75
N ASN A 253 -7.08 12.05 -0.21
CA ASN A 253 -7.60 10.71 0.06
C ASN A 253 -6.76 10.07 1.16
N VAL A 254 -7.43 9.38 2.08
CA VAL A 254 -6.77 8.73 3.21
C VAL A 254 -7.05 7.25 3.13
N THR A 255 -6.00 6.44 3.08
CA THR A 255 -6.14 5.00 2.91
C THR A 255 -5.01 4.32 3.66
N PHE A 256 -5.34 3.21 4.33
CA PHE A 256 -4.31 2.42 4.99
C PHE A 256 -4.80 1.00 5.22
N ILE A 257 -3.83 0.11 5.44
CA ILE A 257 -4.07 -1.26 5.87
C ILE A 257 -3.41 -1.43 7.23
N LEU A 258 -4.16 -1.99 8.18
CA LEU A 258 -3.65 -2.32 9.50
C LEU A 258 -3.60 -3.83 9.64
N ALA A 259 -2.42 -4.37 9.97
CA ALA A 259 -2.25 -5.81 10.13
C ALA A 259 -1.68 -6.09 11.51
N ALA A 260 -2.35 -6.97 12.25
CA ALA A 260 -1.92 -7.32 13.59
C ALA A 260 -0.86 -8.42 13.53
N ILE A 261 0.26 -8.18 14.21
CA ILE A 261 1.32 -9.17 14.33
C ILE A 261 1.13 -9.94 15.63
N GLU A 262 0.99 -11.25 15.53
CA GLU A 262 0.73 -12.10 16.68
C GLU A 262 1.95 -12.23 17.59
MG MG B . -2.17 11.10 -1.80
MG MG C . -3.62 10.57 -5.22
MG MG D . 2.89 13.03 -1.30
#